data_3M7K
#
_entry.id   3M7K
#
_cell.length_a   37.089
_cell.length_b   114.927
_cell.length_c   114.322
_cell.angle_alpha   90.000
_cell.angle_beta   90.000
_cell.angle_gamma   90.000
#
_symmetry.space_group_name_H-M   'C 2 2 21'
#
loop_
_entity.id
_entity.type
_entity.pdbx_description
1 polymer 'restriction endonuclease PacI'
2 polymer "DNA (5'-D(*GP*AP*GP*GP*CP*TP*TP*AP*AP*T)-3')"
3 polymer "DNA (5'-D(P*TP*AP*AP*GP*CP*CP*TP*C)-3')"
4 non-polymer 'ZINC ION'
5 non-polymer 'MAGNESIUM ION'
6 non-polymer 'PLATINUM (II) ION'
7 non-polymer 'SODIUM ION'
8 non-polymer 1,2-ETHANEDIOL
9 non-polymer 'SULFATE ION'
10 water water
#
loop_
_entity_poly.entity_id
_entity_poly.type
_entity_poly.pdbx_seq_one_letter_code
_entity_poly.pdbx_strand_id
1 'polypeptide(L)'
;MTQCPRCQRNLAADEFYAGSSKMCKGCMTWQNLSYNANKEGHANTFTKATFLAWYGLSAQRHCGYCGISEAGFTSLHRTN
PRGYHIQCLGVDRSDSFEGYSPQNARLACFICNRIKSNIFSASEMDVLGEAISKAWHGRGIA
;
A
2 'polydeoxyribonucleotide' (DG)(DA)(DG)(DG)(DC)(DT)(DT)(DA)(DA)(DT) B
3 'polydeoxyribonucleotide' (DT)(DA)(DA)(DG)(DC)(DC)(DT)(DC) C
#
loop_
_chem_comp.id
_chem_comp.type
_chem_comp.name
_chem_comp.formula
DA DNA linking 2'-DEOXYADENOSINE-5'-MONOPHOSPHATE 'C10 H14 N5 O6 P'
DC DNA linking 2'-DEOXYCYTIDINE-5'-MONOPHOSPHATE 'C9 H14 N3 O7 P'
DG DNA linking 2'-DEOXYGUANOSINE-5'-MONOPHOSPHATE 'C10 H14 N5 O7 P'
DT DNA linking THYMIDINE-5'-MONOPHOSPHATE 'C10 H15 N2 O8 P'
EDO non-polymer 1,2-ETHANEDIOL 'C2 H6 O2'
MG non-polymer 'MAGNESIUM ION' 'Mg 2'
NA non-polymer 'SODIUM ION' 'Na 1'
PT non-polymer 'PLATINUM (II) ION' 'Pt 2'
SO4 non-polymer 'SULFATE ION' 'O4 S -2'
ZN non-polymer 'ZINC ION' 'Zn 2'
#
# COMPACT_ATOMS: atom_id res chain seq x y z
N MET A 1 -7.99 -7.30 -17.89
CA MET A 1 -9.14 -7.27 -18.83
C MET A 1 -10.33 -8.07 -18.27
N THR A 2 -10.22 -8.49 -17.01
CA THR A 2 -11.29 -9.20 -16.31
C THR A 2 -12.06 -8.21 -15.44
N GLN A 3 -13.34 -8.49 -15.20
CA GLN A 3 -14.15 -7.70 -14.27
C GLN A 3 -14.01 -8.24 -12.83
N CYS A 4 -13.87 -7.32 -11.86
CA CYS A 4 -13.83 -7.71 -10.44
C CYS A 4 -15.26 -7.88 -9.92
N PRO A 5 -15.56 -9.05 -9.33
CA PRO A 5 -16.93 -9.34 -8.90
C PRO A 5 -17.38 -8.48 -7.72
N ARG A 6 -16.44 -7.80 -7.08
CA ARG A 6 -16.77 -6.97 -5.90
C ARG A 6 -17.01 -5.49 -6.26
N CYS A 7 -16.06 -4.86 -6.97
CA CYS A 7 -16.23 -3.46 -7.39
C CYS A 7 -16.91 -3.32 -8.77
N GLN A 8 -16.93 -4.39 -9.55
CA GLN A 8 -17.48 -4.40 -10.91
C GLN A 8 -16.59 -3.72 -11.96
N ARG A 9 -15.38 -3.32 -11.57
CA ARG A 9 -14.48 -2.65 -12.50
C ARG A 9 -13.87 -3.62 -13.50
N ASN A 10 -13.70 -3.13 -14.73
CA ASN A 10 -12.94 -3.85 -15.73
CA ASN A 10 -12.95 -3.85 -15.76
C ASN A 10 -11.46 -3.53 -15.55
N LEU A 11 -10.65 -4.57 -15.30
CA LEU A 11 -9.24 -4.41 -14.86
C LEU A 11 -8.26 -5.42 -15.46
N ALA A 12 -7.01 -4.99 -15.62
CA ALA A 12 -5.93 -5.89 -16.07
C ALA A 12 -5.52 -6.94 -15.04
N ALA A 13 -4.87 -8.00 -15.53
CA ALA A 13 -4.34 -9.07 -14.68
C ALA A 13 -3.52 -8.56 -13.49
N ASP A 14 -2.75 -7.48 -13.68
CA ASP A 14 -1.87 -6.95 -12.60
C ASP A 14 -2.64 -6.26 -11.45
N GLU A 15 -3.96 -6.14 -11.60
CA GLU A 15 -4.79 -5.61 -10.52
C GLU A 15 -5.38 -6.76 -9.68
N PHE A 16 -5.06 -8.00 -10.05
CA PHE A 16 -5.49 -9.19 -9.32
C PHE A 16 -4.33 -9.96 -8.66
N TYR A 17 -4.66 -10.80 -7.67
CA TYR A 17 -3.65 -11.62 -6.98
C TYR A 17 -3.30 -12.90 -7.74
N ALA A 18 -2.12 -13.46 -7.47
CA ALA A 18 -1.69 -14.68 -8.16
C ALA A 18 -2.25 -15.95 -7.49
N GLY A 19 -2.75 -15.82 -6.28
CA GLY A 19 -3.36 -16.95 -5.56
C GLY A 19 -4.82 -17.15 -5.89
N SER A 20 -5.54 -17.82 -4.98
CA SER A 20 -6.94 -18.17 -5.19
C SER A 20 -7.98 -17.07 -4.86
N SER A 21 -7.53 -15.85 -4.56
CA SER A 21 -8.44 -14.72 -4.29
C SER A 21 -9.19 -14.27 -5.56
N LYS A 22 -10.47 -13.95 -5.40
CA LYS A 22 -11.33 -13.46 -6.49
C LYS A 22 -11.47 -11.93 -6.48
N MET A 23 -11.20 -11.31 -5.33
CA MET A 23 -11.21 -9.85 -5.17
C MET A 23 -9.98 -9.18 -5.85
N CYS A 24 -10.17 -8.01 -6.44
CA CYS A 24 -9.03 -7.25 -6.95
C CYS A 24 -8.21 -6.65 -5.77
N LYS A 25 -7.02 -6.15 -6.07
CA LYS A 25 -6.14 -5.60 -5.02
C LYS A 25 -6.81 -4.39 -4.33
N GLY A 26 -7.52 -3.57 -5.10
CA GLY A 26 -8.20 -2.39 -4.55
C GLY A 26 -9.27 -2.75 -3.54
N CYS A 27 -10.06 -3.77 -3.90
CA CYS A 27 -11.13 -4.24 -3.02
C CYS A 27 -10.57 -4.88 -1.74
N MET A 28 -9.56 -5.72 -1.90
CA MET A 28 -8.93 -6.37 -0.75
C MET A 28 -8.23 -5.33 0.14
N THR A 29 -7.53 -4.37 -0.47
CA THR A 29 -6.88 -3.34 0.32
C THR A 29 -7.91 -2.46 1.05
N TRP A 30 -9.00 -2.12 0.39
CA TRP A 30 -10.07 -1.37 1.05
C TRP A 30 -10.68 -2.12 2.23
N GLN A 31 -10.95 -3.42 2.05
CA GLN A 31 -11.48 -4.29 3.12
C GLN A 31 -10.53 -4.28 4.32
N ASN A 32 -9.23 -4.41 4.05
CA ASN A 32 -8.22 -4.43 5.09
C ASN A 32 -8.18 -3.09 5.82
N LEU A 33 -8.19 -2.00 5.04
CA LEU A 33 -8.14 -0.66 5.59
C LEU A 33 -9.30 -0.45 6.57
N SER A 34 -10.51 -0.83 6.15
CA SER A 34 -11.72 -0.71 6.98
C SER A 34 -11.67 -1.51 8.28
N TYR A 35 -11.40 -2.82 8.14
CA TYR A 35 -11.22 -3.71 9.27
C TYR A 35 -10.08 -3.22 10.19
N ASN A 36 -8.94 -2.87 9.62
CA ASN A 36 -7.80 -2.39 10.43
C ASN A 36 -8.14 -1.13 11.24
N ALA A 37 -8.81 -0.18 10.59
CA ALA A 37 -9.19 1.09 11.21
C ALA A 37 -10.08 0.84 12.42
N ASN A 38 -11.10 -0.01 12.23
CA ASN A 38 -12.03 -0.33 13.31
C ASN A 38 -11.33 -1.13 14.38
N LYS A 39 -10.45 -2.07 13.99
CA LYS A 39 -9.77 -2.87 15.02
C LYS A 39 -8.86 -2.02 15.90
N GLU A 40 -8.21 -1.02 15.30
CA GLU A 40 -7.21 -0.22 16.01
C GLU A 40 -7.72 1.08 16.63
N GLY A 41 -8.97 1.41 16.35
CA GLY A 41 -9.59 2.65 16.86
C GLY A 41 -9.14 3.87 16.06
N HIS A 42 -8.87 3.68 14.77
CA HIS A 42 -8.54 4.81 13.90
C HIS A 42 -9.78 5.21 13.11
N ALA A 43 -9.93 6.52 12.91
CA ALA A 43 -10.97 7.03 12.04
C ALA A 43 -10.64 6.66 10.58
N ASN A 44 -11.66 6.64 9.73
CA ASN A 44 -11.54 6.39 8.31
C ASN A 44 -12.49 7.31 7.55
N THR A 45 -11.95 8.37 6.95
CA THR A 45 -12.76 9.29 6.17
C THR A 45 -12.78 9.02 4.65
N PHE A 46 -11.98 8.05 4.16
CA PHE A 46 -12.15 7.51 2.80
C PHE A 46 -13.54 6.86 2.68
N THR A 47 -14.16 7.00 1.51
CA THR A 47 -15.22 6.07 1.08
C THR A 47 -14.55 5.10 0.11
N LYS A 48 -15.21 3.98 -0.16
CA LYS A 48 -14.65 2.98 -1.08
C LYS A 48 -14.32 3.61 -2.43
N ALA A 49 -15.25 4.40 -2.97
CA ALA A 49 -15.07 5.10 -4.26
C ALA A 49 -13.86 6.05 -4.32
N THR A 50 -13.73 6.88 -3.27
CA THR A 50 -12.58 7.78 -3.12
CA THR A 50 -12.60 7.77 -3.11
CA THR A 50 -12.58 7.77 -3.18
C THR A 50 -11.29 6.97 -2.97
N PHE A 51 -11.34 5.91 -2.16
CA PHE A 51 -10.16 5.07 -1.97
C PHE A 51 -9.70 4.44 -3.27
N LEU A 52 -10.64 3.91 -4.05
CA LEU A 52 -10.29 3.24 -5.31
C LEU A 52 -9.66 4.20 -6.31
N ALA A 53 -10.16 5.43 -6.34
CA ALA A 53 -9.55 6.46 -7.20
C ALA A 53 -8.17 6.85 -6.69
N TRP A 54 -8.05 6.95 -5.37
CA TRP A 54 -6.78 7.28 -4.72
C TRP A 54 -5.77 6.15 -4.98
N TYR A 55 -6.22 4.90 -4.89
CA TYR A 55 -5.32 3.75 -4.95
C TYR A 55 -4.79 3.55 -6.38
N GLY A 56 -5.56 4.02 -7.36
CA GLY A 56 -5.20 3.88 -8.76
C GLY A 56 -4.96 2.45 -9.19
N LEU A 57 -3.97 2.29 -10.07
CA LEU A 57 -3.70 1.00 -10.67
C LEU A 57 -2.26 0.56 -10.46
N SER A 58 -2.08 -0.75 -10.46
CA SER A 58 -0.83 -1.40 -10.05
C SER A 58 0.46 -0.84 -10.65
N ALA A 59 0.44 -0.53 -11.95
CA ALA A 59 1.65 -0.11 -12.63
C ALA A 59 2.03 1.31 -12.25
N GLN A 60 1.08 2.05 -11.68
CA GLN A 60 1.38 3.41 -11.22
C GLN A 60 1.78 3.49 -9.75
N ARG A 61 1.55 2.40 -9.01
CA ARG A 61 1.82 2.40 -7.56
C ARG A 61 3.30 2.22 -7.20
N HIS A 62 3.84 3.16 -6.42
CA HIS A 62 5.21 3.09 -5.90
C HIS A 62 5.13 3.53 -4.45
N CYS A 63 5.98 2.94 -3.61
CA CYS A 63 6.03 3.31 -2.21
C CYS A 63 6.49 4.75 -2.11
N GLY A 64 5.79 5.54 -1.31
CA GLY A 64 6.07 6.97 -1.16
C GLY A 64 7.31 7.28 -0.32
N TYR A 65 7.92 6.26 0.29
CA TYR A 65 9.16 6.42 1.02
C TYR A 65 10.38 5.93 0.26
N CYS A 66 10.35 4.66 -0.18
CA CYS A 66 11.53 4.09 -0.86
C CYS A 66 11.45 4.09 -2.37
N GLY A 67 10.26 4.34 -2.92
CA GLY A 67 10.10 4.44 -4.37
C GLY A 67 9.94 3.09 -5.05
N ILE A 68 9.95 2.00 -4.31
CA ILE A 68 9.84 0.71 -4.97
C ILE A 68 8.46 0.59 -5.66
N SER A 69 8.44 -0.02 -6.85
CA SER A 69 7.19 -0.23 -7.58
C SER A 69 6.47 -1.43 -6.96
N GLU A 70 5.17 -1.51 -7.19
CA GLU A 70 4.41 -2.65 -6.71
C GLU A 70 4.98 -3.99 -7.24
N ALA A 71 5.38 -4.03 -8.50
CA ALA A 71 6.00 -5.23 -9.08
C ALA A 71 7.36 -5.54 -8.44
N GLY A 72 8.14 -4.48 -8.18
CA GLY A 72 9.42 -4.61 -7.49
C GLY A 72 9.23 -5.20 -6.10
N PHE A 73 8.28 -4.66 -5.34
CA PHE A 73 8.01 -5.19 -4.03
C PHE A 73 7.51 -6.64 -4.06
N THR A 74 6.64 -6.95 -5.00
CA THR A 74 6.17 -8.32 -5.21
C THR A 74 7.34 -9.28 -5.39
N SER A 75 8.38 -8.83 -6.10
CA SER A 75 9.55 -9.66 -6.41
C SER A 75 10.44 -9.90 -5.19
N LEU A 76 10.20 -9.15 -4.10
CA LEU A 76 10.90 -9.42 -2.86
C LEU A 76 10.36 -10.65 -2.14
N HIS A 77 9.15 -11.08 -2.51
CA HIS A 77 8.50 -12.24 -1.86
C HIS A 77 8.41 -12.14 -0.36
N ARG A 78 7.94 -10.98 0.11
CA ARG A 78 7.69 -10.76 1.51
C ARG A 78 6.39 -11.47 1.87
N THR A 79 6.25 -11.92 3.11
CA THR A 79 5.02 -12.56 3.54
C THR A 79 4.24 -11.71 4.52
N ASN A 80 2.92 -11.79 4.44
CA ASN A 80 2.06 -11.11 5.41
C ASN A 80 1.85 -11.94 6.70
N PRO A 81 1.16 -11.39 7.72
CA PRO A 81 1.11 -12.13 8.99
C PRO A 81 0.40 -13.49 8.94
N ARG A 82 -0.43 -13.73 7.92
CA ARG A 82 -1.04 -15.06 7.74
C ARG A 82 -0.14 -15.97 6.93
N GLY A 83 1.00 -15.47 6.45
CA GLY A 83 1.97 -16.28 5.74
C GLY A 83 1.92 -16.26 4.21
N TYR A 84 1.15 -15.35 3.63
CA TYR A 84 1.03 -15.29 2.16
C TYR A 84 1.91 -14.23 1.53
N HIS A 85 2.31 -14.48 0.28
CA HIS A 85 3.11 -13.57 -0.54
C HIS A 85 2.40 -12.25 -0.77
N ILE A 86 3.03 -11.15 -0.34
CA ILE A 86 2.46 -9.79 -0.49
C ILE A 86 2.67 -9.30 -1.92
N GLN A 87 1.59 -8.80 -2.54
CA GLN A 87 1.59 -8.53 -3.97
C GLN A 87 1.08 -7.13 -4.27
N CYS A 88 0.78 -6.38 -3.23
CA CYS A 88 0.37 -5.00 -3.39
C CYS A 88 0.95 -4.08 -2.30
N LEU A 89 0.91 -2.79 -2.59
CA LEU A 89 1.39 -1.78 -1.66
C LEU A 89 0.27 -1.34 -0.76
N GLY A 90 0.62 -0.97 0.47
CA GLY A 90 -0.39 -0.61 1.46
C GLY A 90 -0.44 0.87 1.75
N VAL A 91 -1.08 1.22 2.84
CA VAL A 91 -1.37 2.62 3.16
C VAL A 91 -0.77 3.02 4.51
N ASP A 92 0.09 4.05 4.50
CA ASP A 92 0.65 4.62 5.73
C ASP A 92 -0.21 5.81 6.18
N ARG A 93 -0.59 5.80 7.44
CA ARG A 93 -1.15 6.99 8.09
C ARG A 93 0.07 7.85 8.47
N SER A 94 0.36 8.83 7.61
CA SER A 94 1.53 9.72 7.73
C SER A 94 1.80 10.11 9.17
N ASP A 95 0.81 10.77 9.76
CA ASP A 95 0.83 11.11 11.16
C ASP A 95 0.20 9.90 11.83
N SER A 96 1.03 9.15 12.57
CA SER A 96 0.58 7.87 13.10
C SER A 96 -0.44 8.04 14.22
N PHE A 97 -0.55 9.27 14.73
CA PHE A 97 -1.61 9.62 15.65
C PHE A 97 -2.96 9.84 14.96
N GLU A 98 -2.93 10.16 13.66
CA GLU A 98 -4.19 10.39 12.92
CA GLU A 98 -4.13 10.42 12.87
C GLU A 98 -4.62 9.15 12.17
N GLY A 99 -5.89 9.14 11.79
CA GLY A 99 -6.51 8.00 11.11
C GLY A 99 -6.26 7.93 9.61
N TYR A 100 -7.03 7.10 8.93
CA TYR A 100 -6.99 7.00 7.46
C TYR A 100 -7.84 8.08 6.82
N SER A 101 -7.23 8.89 5.96
CA SER A 101 -7.92 9.96 5.26
C SER A 101 -7.11 10.31 4.03
N PRO A 102 -7.76 10.89 2.99
CA PRO A 102 -7.02 11.38 1.83
C PRO A 102 -5.84 12.28 2.22
N GLN A 103 -6.03 13.17 3.19
CA GLN A 103 -4.95 14.07 3.59
CA GLN A 103 -4.98 14.09 3.65
C GLN A 103 -3.82 13.35 4.32
N ASN A 104 -4.16 12.36 5.15
CA ASN A 104 -3.14 11.66 5.97
C ASN A 104 -2.53 10.40 5.35
N ALA A 105 -3.10 9.96 4.23
CA ALA A 105 -2.69 8.71 3.60
C ALA A 105 -1.50 8.92 2.69
N ARG A 106 -0.60 7.94 2.73
CA ARG A 106 0.56 7.88 1.89
C ARG A 106 0.66 6.43 1.46
N LEU A 107 0.96 6.15 0.20
CA LEU A 107 1.18 4.77 -0.22
C LEU A 107 2.52 4.33 0.35
N ALA A 108 2.57 3.13 0.90
CA ALA A 108 3.80 2.59 1.45
C ALA A 108 3.90 1.07 1.30
N CYS A 109 5.08 0.56 0.97
CA CYS A 109 5.29 -0.87 0.94
C CYS A 109 5.33 -1.36 2.38
N PHE A 110 5.06 -2.63 2.59
CA PHE A 110 4.97 -3.17 3.95
C PHE A 110 6.29 -3.10 4.72
N ILE A 111 7.41 -3.11 3.99
CA ILE A 111 8.71 -2.94 4.63
C ILE A 111 8.83 -1.54 5.26
N CYS A 112 8.57 -0.50 4.47
CA CYS A 112 8.69 0.87 5.00
C CYS A 112 7.62 1.15 6.04
N ASN A 113 6.41 0.61 5.82
CA ASN A 113 5.33 0.84 6.77
C ASN A 113 5.73 0.32 8.16
N ARG A 114 6.28 -0.90 8.20
CA ARG A 114 6.69 -1.50 9.49
C ARG A 114 7.88 -0.77 10.09
N ILE A 115 8.82 -0.39 9.24
CA ILE A 115 9.99 0.39 9.73
C ILE A 115 9.60 1.69 10.41
N LYS A 116 8.78 2.48 9.70
CA LYS A 116 8.30 3.74 10.22
C LYS A 116 7.55 3.49 11.54
N SER A 117 6.73 2.44 11.55
CA SER A 117 5.97 2.02 12.74
C SER A 117 5.30 3.28 13.32
N ASN A 118 5.38 3.48 14.63
CA ASN A 118 5.01 4.76 15.23
C ASN A 118 6.22 5.47 15.80
N ILE A 119 7.39 5.12 15.29
CA ILE A 119 8.66 5.68 15.76
C ILE A 119 8.98 6.98 15.04
N PHE A 120 8.98 6.95 13.71
CA PHE A 120 9.50 8.04 12.88
C PHE A 120 8.40 8.91 12.28
N SER A 121 8.64 10.21 12.17
CA SER A 121 7.73 11.06 11.39
C SER A 121 7.86 10.75 9.91
N ALA A 122 6.90 11.22 9.12
CA ALA A 122 6.94 11.08 7.67
C ALA A 122 8.22 11.74 7.14
N SER A 123 8.55 12.93 7.68
CA SER A 123 9.77 13.63 7.33
CA SER A 123 9.77 13.63 7.31
C SER A 123 11.02 12.79 7.62
N GLU A 124 11.10 12.25 8.83
CA GLU A 124 12.21 11.36 9.20
C GLU A 124 12.21 10.13 8.27
N MET A 125 11.03 9.60 8.00
CA MET A 125 10.94 8.39 7.17
C MET A 125 11.29 8.65 5.69
N ASP A 126 11.02 9.88 5.21
CA ASP A 126 11.50 10.28 3.87
C ASP A 126 12.98 9.97 3.75
N VAL A 127 13.73 10.32 4.80
CA VAL A 127 15.17 10.14 4.85
C VAL A 127 15.57 8.64 4.89
N LEU A 128 14.94 7.86 5.77
N LEU A 128 14.92 7.87 5.77
CA LEU A 128 15.13 6.40 5.77
CA LEU A 128 15.10 6.43 5.80
C LEU A 128 14.79 5.80 4.42
C LEU A 128 14.78 5.80 4.44
N GLY A 129 13.69 6.26 3.82
CA GLY A 129 13.27 5.80 2.49
C GLY A 129 14.36 5.89 1.41
N GLU A 130 15.08 7.02 1.36
CA GLU A 130 16.17 7.17 0.39
CA GLU A 130 16.18 7.19 0.41
C GLU A 130 17.22 6.08 0.62
N ALA A 131 17.53 5.80 1.90
CA ALA A 131 18.51 4.76 2.25
C ALA A 131 18.04 3.38 1.86
N ILE A 132 16.73 3.12 2.03
CA ILE A 132 16.12 1.86 1.63
C ILE A 132 16.13 1.72 0.10
N SER A 133 15.75 2.80 -0.59
CA SER A 133 15.85 2.89 -2.07
C SER A 133 17.25 2.51 -2.59
N LYS A 134 18.30 2.89 -1.87
CA LYS A 134 19.69 2.53 -2.28
C LYS A 134 19.91 1.03 -2.15
N ALA A 135 19.37 0.41 -1.09
CA ALA A 135 19.41 -1.06 -0.98
C ALA A 135 18.75 -1.74 -2.19
N TRP A 136 17.56 -1.26 -2.58
CA TRP A 136 16.85 -1.85 -3.71
C TRP A 136 17.66 -1.66 -5.00
N HIS A 137 18.05 -0.41 -5.27
CA HIS A 137 18.82 -0.10 -6.48
CA HIS A 137 18.83 -0.08 -6.47
C HIS A 137 20.11 -0.90 -6.51
N GLY A 138 20.68 -1.15 -5.32
CA GLY A 138 21.86 -2.00 -5.18
C GLY A 138 21.59 -3.46 -5.52
N ARG A 139 20.36 -3.91 -5.29
CA ARG A 139 19.97 -5.30 -5.63
C ARG A 139 19.47 -5.44 -7.08
N GLY A 140 19.36 -4.33 -7.79
CA GLY A 140 18.81 -4.31 -9.15
C GLY A 140 17.28 -4.24 -9.24
N ILE A 141 16.64 -3.72 -8.19
CA ILE A 141 15.19 -3.64 -8.12
C ILE A 141 14.70 -2.18 -8.20
N ALA A 142 13.72 -1.95 -9.09
CA ALA A 142 13.04 -0.67 -9.25
C ALA A 142 11.59 -0.74 -8.74
ZN ZN D . 9.04 1.23 0.77
ZN ZN E . -12.48 -4.93 -7.03
MG MG F . 1.97 3.43 8.96
PT PT G . -9.13 -11.03 -0.32
NA NA H . 10.09 -13.61 3.26
NA NA I . 2.41 6.03 -6.57
NA NA J . -17.48 7.81 6.09
NA NA K . -4.37 -2.20 -16.28
NA NA L . 6.14 -16.20 -1.56
NA NA M . 23.46 -1.51 -1.11
NA NA N . 19.10 9.28 3.43
C1 EDO O . 6.35 10.14 16.44
O1 EDO O . 5.46 10.30 15.33
C2 EDO O . 7.29 11.33 16.52
O2 EDO O . 8.06 11.40 15.32
S SO4 P . 5.47 9.16 -5.36
O1 SO4 P . 5.93 7.78 -5.40
O2 SO4 P . 5.21 9.57 -3.98
O3 SO4 P . 6.48 10.03 -5.94
O4 SO4 P . 4.23 9.27 -6.12
S SO4 Q . -1.06 6.06 -7.68
O1 SO4 Q . 0.17 5.28 -7.54
O2 SO4 Q . -0.71 7.47 -7.62
O3 SO4 Q . -1.69 5.77 -8.97
O4 SO4 Q . -1.99 5.69 -6.61
NA NA R . 0.68 -6.14 19.16
NA NA S . -4.54 -1.40 4.35
#